data_6PIW
#
_entry.id   6PIW
#
_cell.length_a   54.087
_cell.length_b   58.567
_cell.length_c   59.928
_cell.angle_alpha   90.00
_cell.angle_beta   90.00
_cell.angle_gamma   90.00
#
_symmetry.space_group_name_H-M   'P 21 21 21'
#
loop_
_entity.id
_entity.type
_entity.pdbx_description
1 polymer 'NS3/A4 protease'
2 non-polymer 'ZINC ION'
3 non-polymer 'cyclohexyl [(2R,6S,12Z,13aS,14aR,16aS)-2-[(7-methoxy-3-methylquinoxalin-2-yl)oxy]-14a-{[(1-methylcyclopropyl)sulfonyl]carbamoyl}-5, 16-dioxo-1,2,3,5,6,7,8,9,10,11,13a,14,14a,15,16,16a-hexadecahydrocyclopropa[e]pyrrolo[1,2-a][1,4]diazacyclopentadecin-6- yl]carbamate'
4 non-polymer 1,2-ETHANEDIOL
5 water water
#
_entity_poly.entity_id   1
_entity_poly.type   'polypeptide(L)'
_entity_poly.pdbx_seq_one_letter_code
;MGSSHHHHHHSSGLVPRGSHMASMKKKGSVVIVGRINLSGDTAYAQQTRGEEGCQETSQTGRDKNQVEGEVQIVSTATQT
FLATSINGVLWTVYHGAGTRTIASPKGPVTQMYTNVDKDLVGWQAPQGSRSLTPCTCGSSDLYLVTRHADVIPVRRRGDS
RGSLLSPRPISYLKGSSGGPLLCPAGHAVGIFRAAVSTRGVAKAVAFIPVESLETTMRSP
;
_entity_poly.pdbx_strand_id   A
#
# COMPACT_ATOMS: atom_id res chain seq x y z
N HIS A 20 -12.34 -2.36 -32.08
CA HIS A 20 -13.59 -3.11 -32.16
C HIS A 20 -13.65 -4.13 -31.03
N MET A 21 -14.81 -4.72 -30.78
CA MET A 21 -14.97 -5.55 -29.60
C MET A 21 -14.17 -6.84 -29.67
N ALA A 22 -13.97 -7.37 -30.88
CA ALA A 22 -13.16 -8.56 -31.02
C ALA A 22 -11.73 -8.35 -30.51
N SER A 23 -11.22 -7.11 -30.61
CA SER A 23 -9.83 -6.82 -30.29
C SER A 23 -9.66 -6.20 -28.91
N MET A 24 -10.75 -5.85 -28.25
CA MET A 24 -10.64 -5.09 -27.01
C MET A 24 -9.94 -5.94 -25.94
N LYS A 25 -8.91 -5.36 -25.33
CA LYS A 25 -8.10 -6.05 -24.33
C LYS A 25 -8.61 -5.77 -22.91
N LYS A 26 -8.11 -6.55 -21.98
CA LYS A 26 -8.46 -6.40 -20.58
C LYS A 26 -7.19 -6.15 -19.78
N LYS A 27 -7.29 -5.27 -18.78
CA LYS A 27 -6.16 -4.94 -17.94
C LYS A 27 -5.81 -6.13 -17.04
N GLY A 28 -4.54 -6.24 -16.75
CA GLY A 28 -4.06 -7.29 -15.88
C GLY A 28 -4.36 -7.01 -14.42
N SER A 29 -4.10 -8.01 -13.59
CA SER A 29 -4.29 -7.87 -12.16
C SER A 29 -3.10 -7.13 -11.54
N VAL A 30 -3.34 -6.49 -10.41
CA VAL A 30 -2.26 -6.12 -9.51
C VAL A 30 -1.55 -7.40 -9.04
N VAL A 31 -0.23 -7.33 -8.94
CA VAL A 31 0.57 -8.48 -8.53
C VAL A 31 1.46 -8.09 -7.34
N ILE A 32 1.49 -8.97 -6.34
CA ILE A 32 2.46 -8.83 -5.25
C ILE A 32 3.83 -9.27 -5.74
N VAL A 33 4.81 -8.36 -5.66
CA VAL A 33 6.16 -8.60 -6.15
C VAL A 33 7.20 -8.52 -5.04
N GLY A 34 6.79 -8.22 -3.82
CA GLY A 34 7.68 -8.25 -2.68
C GLY A 34 6.98 -7.81 -1.41
N ARG A 35 7.79 -7.56 -0.39
CA ARG A 35 7.24 -7.11 0.88
C ARG A 35 8.26 -6.25 1.62
N ILE A 36 7.76 -5.47 2.56
CA ILE A 36 8.63 -4.76 3.48
C ILE A 36 8.68 -5.59 4.77
N ASN A 37 9.85 -6.12 5.09
CA ASN A 37 9.98 -7.00 6.23
C ASN A 37 10.12 -6.15 7.48
N LEU A 38 9.13 -6.24 8.38
CA LEU A 38 9.18 -5.58 9.68
C LEU A 38 9.26 -6.60 10.82
N SER A 39 9.86 -7.76 10.55
CA SER A 39 9.82 -8.88 11.48
C SER A 39 10.75 -8.66 12.64
N GLY A 40 11.99 -8.26 12.36
CA GLY A 40 13.03 -8.23 13.39
C GLY A 40 13.35 -6.82 13.83
N ASP A 41 14.63 -6.59 14.14
CA ASP A 41 15.11 -5.29 14.56
C ASP A 41 15.50 -4.40 13.38
N THR A 42 15.43 -4.90 12.15
CA THR A 42 15.85 -4.15 10.98
C THR A 42 14.79 -4.28 9.90
N ALA A 43 14.33 -3.15 9.36
CA ALA A 43 13.36 -3.15 8.28
C ALA A 43 14.09 -3.23 6.94
N TYR A 44 13.56 -4.06 6.03
CA TYR A 44 14.22 -4.19 4.73
C TYR A 44 13.24 -4.74 3.72
N ALA A 45 13.37 -4.26 2.48
CA ALA A 45 12.52 -4.72 1.40
C ALA A 45 13.02 -6.07 0.89
N GLN A 46 12.10 -6.92 0.50
CA GLN A 46 12.40 -8.20 -0.12
C GLN A 46 11.59 -8.29 -1.41
N GLN A 47 12.22 -8.73 -2.49
CA GLN A 47 11.53 -8.97 -3.73
C GLN A 47 11.20 -10.47 -3.77
N THR A 48 9.97 -10.78 -4.16
CA THR A 48 9.56 -12.17 -4.26
C THR A 48 9.25 -12.58 -5.71
N ARG A 49 9.15 -11.61 -6.63
CA ARG A 49 8.86 -11.93 -8.02
C ARG A 49 9.51 -10.89 -8.92
N GLY A 50 10.19 -11.36 -9.95
CA GLY A 50 10.82 -10.50 -10.92
C GLY A 50 9.85 -10.03 -12.00
N GLU A 51 10.35 -9.10 -12.85
CA GLU A 51 9.47 -8.38 -13.77
C GLU A 51 8.76 -9.35 -14.73
N GLU A 52 9.49 -10.32 -15.29
CA GLU A 52 8.86 -11.24 -16.22
C GLU A 52 7.75 -12.03 -15.54
N GLY A 53 8.05 -12.59 -14.34
CA GLY A 53 7.03 -13.33 -13.62
C GLY A 53 5.88 -12.43 -13.22
N CYS A 54 6.17 -11.16 -12.93
CA CYS A 54 5.11 -10.21 -12.64
C CYS A 54 4.20 -10.04 -13.86
N GLN A 55 4.79 -9.91 -15.05
CA GLN A 55 4.02 -9.74 -16.28
C GLN A 55 3.09 -10.94 -16.51
N GLU A 56 3.62 -12.16 -16.42
CA GLU A 56 2.78 -13.32 -16.68
C GLU A 56 1.70 -13.46 -15.60
N THR A 57 2.05 -13.20 -14.34
CA THR A 57 1.06 -13.30 -13.27
C THR A 57 -0.01 -12.24 -13.39
N SER A 58 0.33 -11.05 -13.89
CA SER A 58 -0.68 -10.03 -14.09
C SER A 58 -1.70 -10.45 -15.16
N GLN A 59 -1.24 -11.13 -16.21
CA GLN A 59 -2.12 -11.57 -17.28
C GLN A 59 -3.04 -12.70 -16.83
N THR A 60 -2.50 -13.70 -16.14
CA THR A 60 -3.31 -14.83 -15.69
C THR A 60 -4.10 -14.52 -14.42
N GLY A 61 -3.56 -13.66 -13.57
CA GLY A 61 -4.17 -13.46 -12.27
C GLY A 61 -3.98 -14.59 -11.29
N ARG A 62 -3.14 -15.57 -11.61
CA ARG A 62 -2.89 -16.72 -10.75
C ARG A 62 -1.50 -16.59 -10.14
N ASP A 63 -1.45 -16.33 -8.85
CA ASP A 63 -0.21 -16.14 -8.10
C ASP A 63 -0.13 -17.23 -7.05
N LYS A 64 0.77 -18.20 -7.28
CA LYS A 64 0.97 -19.28 -6.33
C LYS A 64 1.99 -18.96 -5.25
N ASN A 65 2.58 -17.77 -5.26
CA ASN A 65 3.64 -17.46 -4.32
C ASN A 65 3.09 -17.32 -2.92
N GLN A 66 3.89 -17.79 -1.95
CA GLN A 66 3.57 -17.60 -0.54
C GLN A 66 3.62 -16.13 -0.17
N VAL A 67 2.58 -15.65 0.53
CA VAL A 67 2.52 -14.26 0.96
C VAL A 67 2.82 -14.23 2.45
N GLU A 68 3.57 -13.21 2.87
CA GLU A 68 3.88 -13.00 4.29
C GLU A 68 3.89 -11.51 4.59
N GLY A 69 3.69 -11.17 5.87
CA GLY A 69 3.91 -9.82 6.32
C GLY A 69 2.71 -8.90 6.10
N GLU A 70 2.88 -7.67 6.62
CA GLU A 70 1.81 -6.67 6.60
C GLU A 70 1.87 -5.74 5.38
N VAL A 71 3.05 -5.36 4.93
CA VAL A 71 3.21 -4.39 3.85
C VAL A 71 3.73 -5.12 2.62
N GLN A 72 2.94 -5.13 1.55
CA GLN A 72 3.29 -5.77 0.30
C GLN A 72 3.75 -4.69 -0.69
N ILE A 73 4.71 -5.07 -1.52
CA ILE A 73 5.07 -4.29 -2.70
C ILE A 73 4.30 -4.87 -3.87
N VAL A 74 3.56 -4.02 -4.59
CA VAL A 74 2.68 -4.51 -5.63
C VAL A 74 2.99 -3.77 -6.94
N SER A 75 2.59 -4.39 -8.05
CA SER A 75 2.92 -3.84 -9.36
C SER A 75 1.81 -4.18 -10.34
N THR A 76 1.59 -3.28 -11.29
CA THR A 76 0.82 -3.54 -12.50
C THR A 76 1.80 -3.67 -13.65
N ALA A 77 1.29 -3.63 -14.89
CA ALA A 77 2.21 -3.60 -16.04
C ALA A 77 2.99 -2.29 -16.11
N THR A 78 2.48 -1.19 -15.51
CA THR A 78 3.08 0.12 -15.69
C THR A 78 3.40 0.86 -14.40
N GLN A 79 2.93 0.40 -13.24
CA GLN A 79 3.19 1.12 -12.00
C GLN A 79 3.58 0.16 -10.88
N THR A 80 4.30 0.68 -9.90
CA THR A 80 4.62 -0.07 -8.72
C THR A 80 4.37 0.83 -7.51
N PHE A 81 3.89 0.24 -6.42
CA PHE A 81 3.47 0.96 -5.25
C PHE A 81 3.34 -0.08 -4.13
N LEU A 82 2.64 0.28 -3.06
CA LEU A 82 2.54 -0.56 -1.87
C LEU A 82 1.08 -0.88 -1.57
N ALA A 83 0.87 -1.93 -0.79
CA ALA A 83 -0.44 -2.30 -0.28
C ALA A 83 -0.27 -2.81 1.14
N THR A 84 -1.20 -2.46 2.03
CA THR A 84 -1.08 -2.70 3.46
C THR A 84 -2.31 -3.43 4.00
N SER A 85 -2.07 -4.51 4.77
CA SER A 85 -3.15 -5.28 5.36
C SER A 85 -3.54 -4.68 6.70
N ILE A 86 -4.81 -4.30 6.84
CA ILE A 86 -5.36 -3.81 8.11
C ILE A 86 -6.71 -4.48 8.31
N ASN A 87 -6.85 -5.20 9.42
N ASN A 87 -6.87 -5.18 9.42
CA ASN A 87 -8.11 -5.83 9.77
CA ASN A 87 -8.13 -5.84 9.76
C ASN A 87 -8.61 -6.75 8.67
C ASN A 87 -8.61 -6.78 8.67
N GLY A 88 -7.68 -7.49 8.05
CA GLY A 88 -8.09 -8.50 7.08
C GLY A 88 -8.42 -7.97 5.70
N VAL A 89 -8.04 -6.72 5.39
CA VAL A 89 -8.22 -6.12 4.09
C VAL A 89 -6.86 -5.63 3.65
N LEU A 90 -6.47 -5.97 2.43
CA LEU A 90 -5.28 -5.41 1.79
C LEU A 90 -5.69 -4.13 1.06
N TRP A 91 -5.21 -3.00 1.58
CA TRP A 91 -5.60 -1.66 1.18
C TRP A 91 -4.51 -1.08 0.32
N THR A 92 -4.90 -0.33 -0.72
CA THR A 92 -3.95 0.48 -1.49
C THR A 92 -4.70 1.69 -2.06
N VAL A 93 -4.02 2.43 -2.95
CA VAL A 93 -4.55 3.65 -3.55
C VAL A 93 -5.23 3.34 -4.88
N TYR A 94 -6.32 4.07 -5.16
CA TYR A 94 -7.01 3.96 -6.45
C TYR A 94 -6.14 4.43 -7.62
N HIS A 95 -5.31 5.46 -7.38
CA HIS A 95 -4.48 5.97 -8.47
C HIS A 95 -3.40 4.98 -8.87
N GLY A 96 -3.16 3.96 -8.04
CA GLY A 96 -2.23 2.91 -8.40
C GLY A 96 -2.96 1.71 -8.98
N ALA A 97 -4.01 1.26 -8.29
CA ALA A 97 -4.70 0.03 -8.67
C ALA A 97 -5.86 0.22 -9.64
N GLY A 98 -6.44 1.41 -9.72
CA GLY A 98 -7.71 1.56 -10.39
C GLY A 98 -8.72 0.57 -9.85
N THR A 99 -9.50 -0.01 -10.76
CA THR A 99 -10.51 -0.99 -10.41
C THR A 99 -10.01 -2.44 -10.58
N ARG A 100 -8.68 -2.63 -10.64
CA ARG A 100 -8.11 -3.91 -11.02
C ARG A 100 -8.34 -4.98 -9.95
N THR A 101 -8.41 -6.22 -10.40
CA THR A 101 -8.30 -7.38 -9.54
C THR A 101 -6.85 -7.52 -9.05
N ILE A 102 -6.68 -8.32 -8.02
CA ILE A 102 -5.36 -8.75 -7.55
C ILE A 102 -5.20 -10.25 -7.83
N ALA A 103 -3.98 -10.63 -8.20
CA ALA A 103 -3.67 -12.02 -8.44
C ALA A 103 -3.66 -12.82 -7.14
N SER A 104 -4.11 -14.08 -7.22
CA SER A 104 -4.15 -14.92 -6.03
C SER A 104 -3.97 -16.37 -6.47
N PRO A 105 -3.72 -17.26 -5.49
CA PRO A 105 -3.52 -18.67 -5.87
C PRO A 105 -4.68 -19.24 -6.67
N LYS A 106 -5.89 -18.73 -6.49
CA LYS A 106 -7.07 -19.26 -7.15
C LYS A 106 -7.52 -18.41 -8.33
N GLY A 107 -6.73 -17.44 -8.74
CA GLY A 107 -7.10 -16.56 -9.82
C GLY A 107 -7.38 -15.16 -9.34
N PRO A 108 -7.86 -14.31 -10.25
CA PRO A 108 -8.03 -12.89 -9.91
C PRO A 108 -9.13 -12.68 -8.88
N VAL A 109 -8.87 -11.76 -7.95
CA VAL A 109 -9.77 -11.46 -6.86
C VAL A 109 -10.28 -10.03 -7.05
N THR A 110 -11.61 -9.88 -7.04
CA THR A 110 -12.25 -8.58 -7.23
C THR A 110 -12.17 -7.74 -5.96
N GLN A 111 -11.98 -6.44 -6.14
CA GLN A 111 -11.96 -5.51 -5.00
C GLN A 111 -13.23 -5.64 -4.17
N MET A 112 -13.06 -5.58 -2.84
CA MET A 112 -14.25 -5.51 -2.00
C MET A 112 -14.55 -4.10 -1.53
N TYR A 113 -13.62 -3.19 -1.69
CA TYR A 113 -13.82 -1.77 -1.44
C TYR A 113 -13.21 -0.96 -2.57
N THR A 114 -13.92 0.05 -3.06
CA THR A 114 -13.41 0.99 -4.06
C THR A 114 -14.01 2.36 -3.73
N ASN A 115 -13.14 3.36 -3.47
CA ASN A 115 -13.63 4.72 -3.17
C ASN A 115 -12.70 5.73 -3.84
N VAL A 116 -13.04 6.12 -5.06
CA VAL A 116 -12.23 7.09 -5.80
C VAL A 116 -12.15 8.43 -5.05
N ASP A 117 -13.19 8.74 -4.26
CA ASP A 117 -13.20 10.02 -3.55
C ASP A 117 -12.14 10.07 -2.47
N LYS A 118 -11.77 8.93 -1.92
CA LYS A 118 -10.68 8.86 -0.96
C LYS A 118 -9.36 8.35 -1.57
N ASP A 119 -9.34 8.04 -2.86
CA ASP A 119 -8.18 7.42 -3.49
C ASP A 119 -7.86 6.08 -2.85
N LEU A 120 -8.91 5.29 -2.57
CA LEU A 120 -8.78 4.06 -1.78
C LEU A 120 -9.40 2.87 -2.49
N VAL A 121 -8.70 1.74 -2.44
CA VAL A 121 -9.28 0.45 -2.80
C VAL A 121 -8.86 -0.60 -1.77
N GLY A 122 -9.57 -1.72 -1.77
CA GLY A 122 -9.21 -2.83 -0.90
C GLY A 122 -9.67 -4.17 -1.44
N TRP A 123 -8.87 -5.20 -1.17
CA TRP A 123 -9.20 -6.58 -1.45
C TRP A 123 -9.13 -7.37 -0.14
N GLN A 124 -9.81 -8.50 -0.10
CA GLN A 124 -9.61 -9.42 1.00
C GLN A 124 -8.12 -9.68 1.16
N ALA A 125 -7.65 -9.69 2.41
CA ALA A 125 -6.22 -9.87 2.66
C ALA A 125 -5.80 -11.28 2.22
N PRO A 126 -4.71 -11.40 1.46
CA PRO A 126 -4.29 -12.72 0.97
C PRO A 126 -3.92 -13.67 2.10
N GLN A 127 -4.25 -14.93 1.89
CA GLN A 127 -3.92 -15.93 2.88
C GLN A 127 -2.41 -15.96 3.14
N GLY A 128 -2.04 -15.93 4.41
CA GLY A 128 -0.65 -15.88 4.82
C GLY A 128 -0.15 -14.49 5.19
N SER A 129 -0.84 -13.45 4.77
CA SER A 129 -0.51 -12.10 5.20
C SER A 129 -0.78 -11.96 6.69
N ARG A 130 -0.18 -10.93 7.27
CA ARG A 130 -0.48 -10.51 8.64
C ARG A 130 -1.11 -9.13 8.60
N SER A 131 -2.10 -8.88 9.45
CA SER A 131 -2.85 -7.63 9.40
C SER A 131 -2.43 -6.72 10.55
N LEU A 132 -2.27 -5.44 10.25
CA LEU A 132 -2.11 -4.45 11.29
C LEU A 132 -3.45 -4.22 11.99
N THR A 133 -3.37 -3.82 13.24
CA THR A 133 -4.53 -3.43 14.03
C THR A 133 -4.76 -1.93 13.91
N PRO A 134 -6.00 -1.47 13.74
CA PRO A 134 -6.25 -0.03 13.67
C PRO A 134 -5.89 0.65 14.98
N CYS A 135 -5.23 1.79 14.88
CA CYS A 135 -4.79 2.54 16.05
C CYS A 135 -5.98 3.14 16.77
N THR A 136 -5.99 2.97 18.09
CA THR A 136 -6.95 3.67 18.94
C THR A 136 -6.23 4.60 19.91
N CYS A 137 -4.92 4.85 19.69
CA CYS A 137 -4.13 5.56 20.69
C CYS A 137 -4.42 7.05 20.65
N GLY A 138 -4.79 7.58 19.48
CA GLY A 138 -4.92 9.03 19.33
C GLY A 138 -3.62 9.78 19.49
N SER A 139 -2.50 9.14 19.16
CA SER A 139 -1.20 9.76 19.19
C SER A 139 -0.94 10.48 17.86
N SER A 140 -0.09 11.51 17.91
CA SER A 140 0.29 12.28 16.74
C SER A 140 1.76 12.08 16.34
N ASP A 141 2.46 11.17 17.00
CA ASP A 141 3.83 10.83 16.61
C ASP A 141 3.79 9.56 15.77
N LEU A 142 3.87 9.72 14.47
CA LEU A 142 3.65 8.65 13.52
C LEU A 142 4.95 8.26 12.84
N TYR A 143 4.87 7.16 12.07
CA TYR A 143 6.01 6.61 11.34
C TYR A 143 5.52 6.12 9.99
N LEU A 144 6.08 6.67 8.91
CA LEU A 144 5.78 6.26 7.55
C LEU A 144 6.79 5.23 7.07
N VAL A 145 6.29 4.11 6.54
CA VAL A 145 7.13 3.04 6.01
C VAL A 145 7.12 3.11 4.48
N THR A 146 8.28 3.23 3.88
CA THR A 146 8.38 3.37 2.42
C THR A 146 8.73 2.03 1.77
N ARG A 147 8.69 2.02 0.42
CA ARG A 147 8.98 0.83 -0.34
C ARG A 147 10.45 0.46 -0.22
N HIS A 148 11.28 1.36 0.25
CA HIS A 148 12.70 1.07 0.49
C HIS A 148 12.94 0.65 1.93
N ALA A 149 11.88 0.43 2.68
CA ALA A 149 11.96 0.04 4.08
C ALA A 149 12.55 1.13 4.97
N ASP A 150 12.47 2.38 4.53
CA ASP A 150 12.78 3.49 5.44
C ASP A 150 11.61 3.68 6.40
N VAL A 151 11.92 4.01 7.66
CA VAL A 151 10.89 4.35 8.64
C VAL A 151 11.05 5.83 8.96
N ILE A 152 10.11 6.64 8.47
CA ILE A 152 10.23 8.09 8.43
C ILE A 152 9.33 8.67 9.52
N PRO A 153 9.87 9.30 10.54
CA PRO A 153 9.01 10.00 11.51
C PRO A 153 8.18 11.09 10.84
N VAL A 154 6.91 11.08 11.20
CA VAL A 154 5.90 12.02 10.70
C VAL A 154 5.07 12.51 11.89
N ARG A 155 4.95 13.84 12.04
CA ARG A 155 4.06 14.41 13.04
C ARG A 155 2.67 14.60 12.42
N ARG A 156 1.66 14.02 13.06
CA ARG A 156 0.32 14.21 12.55
C ARG A 156 -0.07 15.68 12.68
N ARG A 157 -0.65 16.25 11.61
CA ARG A 157 -1.01 17.66 11.55
C ARG A 157 -2.50 17.85 11.29
N GLY A 158 -3.25 16.79 11.06
CA GLY A 158 -4.67 16.86 10.75
C GLY A 158 -5.22 15.46 10.61
N ASP A 159 -6.48 15.39 10.24
CA ASP A 159 -7.12 14.09 10.08
C ASP A 159 -6.43 13.28 8.99
N SER A 160 -5.88 13.94 7.96
CA SER A 160 -5.33 13.20 6.83
C SER A 160 -3.98 13.73 6.39
N ARG A 161 -3.24 14.40 7.29
CA ARG A 161 -1.94 14.91 6.89
C ARG A 161 -0.98 14.93 8.07
N GLY A 162 0.31 14.88 7.71
CA GLY A 162 1.41 14.92 8.65
C GLY A 162 2.64 15.51 8.00
N SER A 163 3.47 16.10 8.82
CA SER A 163 4.69 16.73 8.32
C SER A 163 5.88 15.81 8.53
N LEU A 164 6.81 15.83 7.59
CA LEU A 164 8.05 15.07 7.75
C LEU A 164 8.95 15.78 8.73
N LEU A 165 9.55 15.02 9.65
CA LEU A 165 10.46 15.67 10.59
C LEU A 165 11.76 16.03 9.89
N SER A 166 12.09 15.30 8.83
CA SER A 166 13.28 15.53 8.01
C SER A 166 12.81 15.52 6.57
N PRO A 167 12.53 16.66 5.98
CA PRO A 167 12.14 16.69 4.54
C PRO A 167 13.13 16.00 3.62
N ARG A 168 12.68 15.58 2.44
CA ARG A 168 13.56 14.99 1.45
C ARG A 168 12.90 15.05 0.09
N PRO A 169 13.68 14.92 -0.99
CA PRO A 169 13.09 15.05 -2.34
C PRO A 169 11.93 14.08 -2.51
N ILE A 170 10.97 14.45 -3.35
CA ILE A 170 9.82 13.57 -3.57
C ILE A 170 10.23 12.26 -4.23
N SER A 171 11.41 12.22 -4.83
CA SER A 171 11.91 10.99 -5.45
C SER A 171 11.98 9.86 -4.45
N TYR A 172 12.28 10.18 -3.19
CA TYR A 172 12.38 9.16 -2.16
C TYR A 172 11.04 8.59 -1.74
N LEU A 173 9.94 9.34 -1.95
CA LEU A 173 8.61 8.87 -1.59
C LEU A 173 7.87 8.22 -2.74
N LYS A 174 8.29 8.48 -3.98
CA LYS A 174 7.62 7.92 -5.14
C LYS A 174 7.63 6.42 -5.06
N GLY A 175 6.47 5.81 -5.32
CA GLY A 175 6.32 4.37 -5.24
C GLY A 175 5.93 3.83 -3.87
N SER A 176 5.66 4.71 -2.91
CA SER A 176 5.30 4.29 -1.58
C SER A 176 3.84 4.53 -1.22
N SER A 177 3.04 5.12 -2.11
CA SER A 177 1.61 5.21 -1.86
C SER A 177 1.08 3.80 -1.56
N GLY A 178 0.08 3.75 -0.69
CA GLY A 178 -0.42 2.50 -0.19
C GLY A 178 0.28 1.97 1.04
N GLY A 179 1.45 2.54 1.38
CA GLY A 179 2.16 2.14 2.56
C GLY A 179 1.51 2.72 3.80
N PRO A 180 1.93 2.21 4.97
CA PRO A 180 1.29 2.62 6.22
C PRO A 180 1.96 3.80 6.92
N LEU A 181 1.13 4.58 7.60
CA LEU A 181 1.59 5.38 8.72
C LEU A 181 1.19 4.64 9.99
N LEU A 182 2.17 4.40 10.87
CA LEU A 182 1.95 3.68 12.11
C LEU A 182 2.16 4.58 13.32
N CYS A 183 1.50 4.21 14.43
CA CYS A 183 1.71 4.86 15.71
C CYS A 183 2.94 4.27 16.42
N PRO A 184 3.34 4.85 17.56
CA PRO A 184 4.51 4.27 18.25
C PRO A 184 4.32 2.81 18.62
N ALA A 185 3.10 2.36 18.83
CA ALA A 185 2.82 0.98 19.21
C ALA A 185 2.68 0.04 18.00
N GLY A 186 2.88 0.52 16.80
CA GLY A 186 2.82 -0.32 15.63
C GLY A 186 1.44 -0.53 15.06
N HIS A 187 0.43 0.22 15.50
CA HIS A 187 -0.89 0.14 14.91
C HIS A 187 -0.98 1.00 13.66
N ALA A 188 -1.94 0.66 12.78
CA ALA A 188 -2.14 1.41 11.54
C ALA A 188 -2.93 2.68 11.85
N VAL A 189 -2.37 3.82 11.46
CA VAL A 189 -3.04 5.10 11.55
C VAL A 189 -3.54 5.60 10.20
N GLY A 190 -2.93 5.19 9.10
CA GLY A 190 -3.42 5.66 7.81
C GLY A 190 -2.70 4.98 6.66
N ILE A 191 -3.14 5.32 5.46
CA ILE A 191 -2.56 4.78 4.22
C ILE A 191 -2.03 5.97 3.41
N PHE A 192 -0.72 5.98 3.15
CA PHE A 192 -0.06 7.06 2.39
C PHE A 192 -0.67 7.20 1.01
N ARG A 193 -1.07 8.43 0.69
CA ARG A 193 -1.80 8.77 -0.52
C ARG A 193 -1.09 9.80 -1.39
N ALA A 194 -0.57 10.89 -0.82
CA ALA A 194 0.06 11.92 -1.63
C ALA A 194 1.10 12.68 -0.84
N ALA A 195 2.01 13.31 -1.57
CA ALA A 195 3.07 14.12 -0.98
C ALA A 195 2.88 15.59 -1.33
N VAL A 196 3.08 16.43 -0.32
CA VAL A 196 3.07 17.88 -0.46
C VAL A 196 4.52 18.30 -0.62
N SER A 197 4.83 18.92 -1.75
CA SER A 197 6.21 19.30 -2.04
C SER A 197 6.28 20.76 -2.46
N THR A 198 7.43 21.37 -2.20
CA THR A 198 7.78 22.69 -2.69
C THR A 198 9.16 22.59 -3.33
N ARG A 199 9.25 22.95 -4.61
CA ARG A 199 10.52 22.85 -5.34
C ARG A 199 11.10 21.44 -5.20
N GLY A 200 10.22 20.43 -5.36
CA GLY A 200 10.62 19.05 -5.32
C GLY A 200 10.92 18.47 -3.95
N VAL A 201 10.80 19.26 -2.87
CA VAL A 201 11.08 18.78 -1.54
C VAL A 201 9.77 18.46 -0.84
N ALA A 202 9.63 17.23 -0.36
CA ALA A 202 8.47 16.81 0.40
C ALA A 202 8.58 17.35 1.84
N LYS A 203 7.65 18.22 2.23
CA LYS A 203 7.55 18.68 3.61
C LYS A 203 6.46 17.94 4.38
N ALA A 204 5.46 17.41 3.68
CA ALA A 204 4.29 16.84 4.34
C ALA A 204 3.71 15.75 3.44
N VAL A 205 2.89 14.91 4.06
CA VAL A 205 2.21 13.83 3.36
C VAL A 205 0.72 13.92 3.67
N ALA A 206 -0.08 13.36 2.78
CA ALA A 206 -1.50 13.15 2.98
C ALA A 206 -1.77 11.65 2.96
N PHE A 207 -2.74 11.24 3.75
CA PHE A 207 -2.99 9.83 3.93
C PHE A 207 -4.46 9.62 4.22
N ILE A 208 -4.92 8.41 3.94
CA ILE A 208 -6.30 8.00 4.23
C ILE A 208 -6.29 7.58 5.70
N PRO A 209 -7.03 8.23 6.60
CA PRO A 209 -6.99 7.80 7.99
C PRO A 209 -7.68 6.46 8.19
N VAL A 210 -7.16 5.69 9.14
CA VAL A 210 -7.72 4.36 9.40
C VAL A 210 -9.20 4.45 9.74
N GLU A 211 -9.63 5.54 10.37
CA GLU A 211 -11.05 5.68 10.67
C GLU A 211 -11.88 5.77 9.39
N SER A 212 -11.29 6.34 8.34
CA SER A 212 -11.94 6.34 7.04
C SER A 212 -12.06 4.92 6.51
N LEU A 213 -11.04 4.09 6.69
CA LEU A 213 -11.16 2.68 6.36
C LEU A 213 -12.18 1.99 7.26
N GLU A 214 -12.10 2.25 8.58
CA GLU A 214 -12.96 1.55 9.53
C GLU A 214 -14.44 1.78 9.23
N THR A 215 -14.79 2.96 8.73
CA THR A 215 -16.18 3.19 8.33
C THR A 215 -16.49 2.48 7.02
N THR A 216 -15.57 2.55 6.06
CA THR A 216 -15.74 1.80 4.82
C THR A 216 -16.03 0.33 5.11
N MET A 217 -15.36 -0.24 6.12
CA MET A 217 -15.58 -1.60 6.53
C MET A 217 -16.90 -1.74 7.31
#